data_5KDG
#
_entry.id   5KDG
#
_cell.length_a   64.302
_cell.length_b   64.302
_cell.length_c   124.206
_cell.angle_alpha   90.00
_cell.angle_beta   90.00
_cell.angle_gamma   90.00
#
_symmetry.space_group_name_H-M   'P 43 21 2'
#
loop_
_entity.id
_entity.type
_entity.pdbx_description
1 polymer 'Gifsy-2 prophage protein'
2 non-polymer 'SULFATE ION'
3 non-polymer GLYCEROL
4 water water
#
_entity_poly.entity_id   1
_entity_poly.type   'polypeptide(L)'
_entity_poly.pdbx_seq_one_letter_code
;MTATPQGQIIHHRNFQSLYNNSWVCSLNVIKSRDGNNYSALEDITSDNQAFNNILEGIDIIECENLLKEMNVQKIPESSL
FTNIKEALQAEVFNSTVEDNFESFISYELQNHGPLMLIRPSLGSECLHAECIVGYDSEVKKVLIYDSMNTSPEWQSNIDV
YDKLTLAFNDKYKNEDCSICGLYYDGVYEPKLEHHHHHH
;
_entity_poly.pdbx_strand_id   A
#
# COMPACT_ATOMS: atom_id res chain seq x y z
N GLN A 6 30.87 35.39 8.55
CA GLN A 6 29.41 35.09 8.56
C GLN A 6 29.02 34.18 9.72
N GLY A 7 29.76 33.08 9.89
CA GLY A 7 29.29 31.95 10.69
C GLY A 7 28.23 31.12 10.00
N GLN A 8 28.23 31.15 8.66
CA GLN A 8 27.44 30.24 7.86
C GLN A 8 28.33 29.25 7.12
N ILE A 9 28.23 27.98 7.50
CA ILE A 9 28.92 26.91 6.79
C ILE A 9 27.91 25.92 6.20
N ILE A 10 27.88 25.83 4.87
CA ILE A 10 26.95 24.93 4.19
C ILE A 10 27.69 24.13 3.14
N HIS A 11 27.68 22.80 3.29
CA HIS A 11 28.19 21.91 2.26
C HIS A 11 27.10 21.51 1.29
N HIS A 12 27.48 21.34 0.03
CA HIS A 12 26.53 20.96 -1.02
C HIS A 12 26.69 19.50 -1.41
N ARG A 13 25.71 18.69 -1.03
CA ARG A 13 25.75 17.25 -1.20
C ARG A 13 24.40 16.78 -1.70
N ASN A 14 24.41 15.69 -2.47
CA ASN A 14 23.18 15.03 -2.92
C ASN A 14 22.40 14.43 -1.75
N PHE A 15 21.08 14.54 -1.83
CA PHE A 15 20.17 13.91 -0.88
C PHE A 15 19.39 12.78 -1.56
N GLN A 16 19.26 11.64 -0.90
CA GLN A 16 18.34 10.57 -1.31
C GLN A 16 17.31 10.36 -0.22
N SER A 17 16.03 10.32 -0.60
CA SER A 17 14.98 9.88 0.30
C SER A 17 14.67 8.39 0.22
N LEU A 18 14.59 7.75 1.39
CA LEU A 18 14.18 6.35 1.40
C LEU A 18 12.72 6.11 1.05
N TYR A 19 11.91 7.17 0.98
CA TYR A 19 10.54 7.03 0.48
C TYR A 19 10.54 6.32 -0.87
N ASN A 20 11.52 6.63 -1.70
CA ASN A 20 11.61 6.02 -3.04
C ASN A 20 11.89 4.52 -3.05
N ASN A 21 12.45 4.03 -1.95
CA ASN A 21 12.75 2.62 -1.76
C ASN A 21 11.55 1.82 -1.22
N SER A 22 10.49 2.51 -0.79
CA SER A 22 9.42 1.84 -0.05
C SER A 22 8.63 0.89 -0.95
N TRP A 23 8.60 1.16 -2.26
CA TRP A 23 7.86 0.26 -3.14
C TRP A 23 8.52 -1.11 -3.24
N VAL A 24 9.85 -1.15 -3.11
CA VAL A 24 10.60 -2.42 -3.16
C VAL A 24 10.30 -3.26 -1.93
N CYS A 25 10.30 -2.63 -0.76
CA CYS A 25 9.88 -3.31 0.47
C CYS A 25 8.47 -3.86 0.36
N SER A 26 7.56 -3.04 -0.17
CA SER A 26 6.15 -3.42 -0.28
C SER A 26 5.95 -4.57 -1.26
N LEU A 27 6.67 -4.52 -2.37
CA LEU A 27 6.70 -5.61 -3.35
C LEU A 27 7.10 -6.93 -2.69
N ASN A 28 8.17 -6.91 -1.88
CA ASN A 28 8.59 -8.09 -1.16
C ASN A 28 7.51 -8.62 -0.23
N VAL A 29 6.82 -7.74 0.49
CA VAL A 29 5.74 -8.15 1.39
C VAL A 29 4.68 -8.94 0.63
N ILE A 30 4.22 -8.39 -0.50
CA ILE A 30 3.06 -8.97 -1.18
C ILE A 30 3.46 -10.19 -2.03
N LYS A 31 4.72 -10.23 -2.48
CA LYS A 31 5.17 -11.39 -3.29
C LYS A 31 5.69 -12.57 -2.47
N SER A 32 6.16 -12.28 -1.25
CA SER A 32 6.69 -13.32 -0.37
C SER A 32 5.58 -14.15 0.27
N ARG A 33 5.97 -15.30 0.83
CA ARG A 33 5.06 -16.18 1.58
C ARG A 33 5.71 -16.66 2.88
N ASP A 34 4.89 -16.90 3.90
CA ASP A 34 5.27 -17.71 5.07
C ASP A 34 6.52 -17.21 5.80
N GLY A 35 6.72 -15.90 5.80
CA GLY A 35 7.83 -15.26 6.51
C GLY A 35 9.20 -15.37 5.85
N ASN A 36 9.25 -15.90 4.63
CA ASN A 36 10.45 -15.87 3.78
C ASN A 36 10.46 -14.63 2.87
N ASN A 37 11.58 -14.37 2.20
CA ASN A 37 11.60 -13.35 1.14
C ASN A 37 11.13 -13.90 -0.22
N TYR A 38 10.82 -12.99 -1.14
CA TYR A 38 10.31 -13.35 -2.47
C TYR A 38 11.37 -14.13 -3.25
N SER A 39 11.00 -15.30 -3.75
CA SER A 39 11.97 -16.34 -4.12
C SER A 39 12.71 -16.02 -5.43
N ALA A 40 12.19 -15.06 -6.20
CA ALA A 40 12.79 -14.64 -7.45
C ALA A 40 13.76 -13.46 -7.30
N LEU A 41 14.06 -13.11 -6.05
CA LEU A 41 14.99 -12.01 -5.75
C LEU A 41 16.41 -12.26 -6.25
N GLU A 42 16.85 -13.53 -6.19
CA GLU A 42 18.24 -13.90 -6.46
C GLU A 42 18.57 -13.83 -7.94
N GLN A 49 20.56 -5.50 -12.02
CA GLN A 49 19.38 -4.65 -11.98
C GLN A 49 19.55 -3.52 -10.97
N ALA A 50 18.99 -2.35 -11.30
CA ALA A 50 18.87 -1.26 -10.35
C ALA A 50 17.76 -1.50 -9.32
N PHE A 51 16.87 -2.44 -9.62
CA PHE A 51 15.67 -2.72 -8.80
C PHE A 51 15.90 -2.69 -7.28
N ASN A 52 16.88 -3.46 -6.81
CA ASN A 52 17.13 -3.66 -5.38
C ASN A 52 18.20 -2.71 -4.81
N ASN A 53 18.52 -1.64 -5.54
CA ASN A 53 19.54 -0.66 -5.11
C ASN A 53 18.99 0.42 -4.17
N ILE A 54 19.72 0.72 -3.10
CA ILE A 54 19.39 1.88 -2.26
C ILE A 54 19.70 3.16 -3.02
N LEU A 55 20.93 3.25 -3.51
CA LEU A 55 21.43 4.38 -4.28
C LEU A 55 21.48 3.99 -5.76
N GLU A 56 21.11 4.93 -6.63
CA GLU A 56 21.01 4.67 -8.07
C GLU A 56 20.09 3.48 -8.37
N GLY A 57 18.93 3.49 -7.72
CA GLY A 57 17.90 2.50 -7.96
C GLY A 57 16.75 3.05 -8.80
N ILE A 58 15.56 2.52 -8.55
CA ILE A 58 14.36 2.83 -9.33
C ILE A 58 13.41 3.57 -8.40
N ASP A 59 13.12 4.83 -8.73
CA ASP A 59 12.16 5.63 -7.98
C ASP A 59 10.76 5.07 -8.13
N ILE A 60 9.93 5.27 -7.10
CA ILE A 60 8.53 4.82 -7.11
C ILE A 60 7.81 5.24 -8.38
N ILE A 61 8.05 6.47 -8.82
CA ILE A 61 7.35 7.02 -9.97
C ILE A 61 7.63 6.20 -11.24
N GLU A 62 8.73 5.46 -11.23
CA GLU A 62 9.21 4.70 -12.39
C GLU A 62 8.91 3.19 -12.32
N CYS A 63 8.15 2.76 -11.32
CA CYS A 63 8.12 1.34 -11.01
C CYS A 63 7.02 0.53 -11.72
N GLU A 64 6.18 1.18 -12.53
CA GLU A 64 4.92 0.58 -12.99
C GLU A 64 5.12 -0.65 -13.88
N ASN A 65 6.07 -0.57 -14.80
CA ASN A 65 6.37 -1.70 -15.69
C ASN A 65 6.94 -2.88 -14.92
N LEU A 66 7.82 -2.60 -13.97
CA LEU A 66 8.35 -3.66 -13.10
C LEU A 66 7.25 -4.33 -12.26
N LEU A 67 6.29 -3.55 -11.76
CA LEU A 67 5.18 -4.15 -11.01
C LEU A 67 4.41 -5.15 -11.91
N LYS A 68 4.08 -4.72 -13.12
CA LYS A 68 3.42 -5.59 -14.10
C LYS A 68 4.18 -6.89 -14.34
N GLU A 69 5.50 -6.77 -14.51
CA GLU A 69 6.38 -7.92 -14.74
C GLU A 69 6.50 -8.88 -13.57
N MET A 70 6.17 -8.38 -12.38
CA MET A 70 6.08 -9.20 -11.18
CA MET A 70 6.09 -9.23 -11.20
C MET A 70 4.67 -9.68 -10.90
N ASN A 71 3.78 -9.54 -11.89
CA ASN A 71 2.39 -9.95 -11.80
C ASN A 71 1.62 -9.27 -10.65
N VAL A 72 1.99 -8.03 -10.39
CA VAL A 72 1.27 -7.18 -9.45
C VAL A 72 0.33 -6.27 -10.25
N GLN A 73 -0.93 -6.26 -9.86
CA GLN A 73 -1.94 -5.47 -10.57
C GLN A 73 -2.83 -4.70 -9.60
N LYS A 74 -3.42 -3.61 -10.08
CA LYS A 74 -4.44 -2.90 -9.31
C LYS A 74 -5.64 -3.80 -9.06
N ILE A 75 -6.27 -3.64 -7.89
CA ILE A 75 -7.43 -4.46 -7.54
C ILE A 75 -8.57 -4.19 -8.52
N PRO A 76 -9.36 -5.25 -8.84
CA PRO A 76 -10.43 -5.03 -9.83
C PRO A 76 -11.58 -4.20 -9.26
N GLU A 77 -12.37 -3.60 -10.14
CA GLU A 77 -13.54 -2.84 -9.71
C GLU A 77 -14.58 -3.73 -9.02
N SER A 78 -15.27 -3.17 -8.03
CA SER A 78 -16.35 -3.86 -7.33
C SER A 78 -17.29 -2.85 -6.67
N SER A 79 -18.48 -3.30 -6.30
CA SER A 79 -19.48 -2.44 -5.66
C SER A 79 -19.01 -1.87 -4.33
N LEU A 80 -18.42 -2.72 -3.50
CA LEU A 80 -17.81 -2.29 -2.24
C LEU A 80 -16.71 -1.24 -2.45
N PHE A 81 -15.85 -1.46 -3.44
CA PHE A 81 -14.74 -0.55 -3.75
C PHE A 81 -15.26 0.79 -4.30
N THR A 82 -16.24 0.72 -5.20
CA THR A 82 -16.94 1.91 -5.70
C THR A 82 -17.58 2.71 -4.56
N ASN A 83 -18.23 2.00 -3.63
CA ASN A 83 -18.84 2.65 -2.47
C ASN A 83 -17.84 3.33 -1.53
N ILE A 84 -16.70 2.69 -1.31
CA ILE A 84 -15.67 3.25 -0.44
C ILE A 84 -15.03 4.49 -1.09
N LYS A 85 -14.80 4.41 -2.40
CA LYS A 85 -14.23 5.55 -3.14
C LYS A 85 -15.17 6.77 -3.14
N GLU A 86 -16.47 6.51 -3.25
CA GLU A 86 -17.46 7.58 -3.16
C GLU A 86 -17.44 8.28 -1.80
N ALA A 87 -17.37 7.49 -0.72
CA ALA A 87 -17.23 8.04 0.63
C ALA A 87 -15.91 8.80 0.81
N LEU A 88 -14.83 8.24 0.26
CA LEU A 88 -13.52 8.90 0.33
C LEU A 88 -13.52 10.24 -0.39
N GLN A 89 -14.17 10.30 -1.55
CA GLN A 89 -14.29 11.54 -2.31
C GLN A 89 -15.16 12.58 -1.61
N ALA A 90 -16.16 12.11 -0.86
CA ALA A 90 -17.10 12.98 -0.17
C ALA A 90 -16.59 13.38 1.23
N GLU A 91 -15.48 12.78 1.65
CA GLU A 91 -14.91 12.98 2.99
C GLU A 91 -15.87 12.61 4.11
N VAL A 92 -16.60 11.53 3.90
CA VAL A 92 -17.60 11.08 4.85
C VAL A 92 -17.07 9.86 5.59
N PHE A 93 -17.17 9.90 6.92
CA PHE A 93 -16.92 8.73 7.75
C PHE A 93 -17.95 8.62 8.87
N ASN A 94 -18.67 7.51 8.87
CA ASN A 94 -19.67 7.20 9.89
C ASN A 94 -19.77 5.67 10.03
N SER A 95 -20.72 5.19 10.83
CA SER A 95 -20.89 3.75 11.04
C SER A 95 -21.16 2.97 9.74
N THR A 96 -21.89 3.58 8.79
CA THR A 96 -22.19 2.95 7.50
C THR A 96 -20.94 2.82 6.61
N VAL A 97 -20.19 3.92 6.48
CA VAL A 97 -18.90 3.89 5.78
C VAL A 97 -17.93 2.88 6.42
N GLU A 98 -17.88 2.83 7.74
CA GLU A 98 -16.97 1.92 8.43
C GLU A 98 -17.36 0.44 8.19
N ASP A 99 -18.66 0.16 8.23
CA ASP A 99 -19.16 -1.17 7.89
C ASP A 99 -18.74 -1.60 6.50
N ASN A 100 -18.90 -0.71 5.52
CA ASN A 100 -18.48 -0.97 4.14
C ASN A 100 -16.96 -1.13 4.02
N PHE A 101 -16.21 -0.30 4.74
CA PHE A 101 -14.74 -0.42 4.81
C PHE A 101 -14.29 -1.78 5.33
N GLU A 102 -14.88 -2.20 6.44
CA GLU A 102 -14.64 -3.53 7.00
C GLU A 102 -14.93 -4.65 5.98
N SER A 103 -16.07 -4.57 5.32
CA SER A 103 -16.47 -5.56 4.31
C SER A 103 -15.50 -5.57 3.12
N PHE A 104 -15.10 -4.38 2.69
CA PHE A 104 -14.16 -4.21 1.58
C PHE A 104 -12.79 -4.81 1.91
N ILE A 105 -12.18 -4.37 3.01
CA ILE A 105 -10.83 -4.79 3.38
C ILE A 105 -10.82 -6.31 3.65
N SER A 106 -11.87 -6.80 4.29
CA SER A 106 -12.02 -8.24 4.55
C SER A 106 -12.07 -9.06 3.26
N TYR A 107 -12.93 -8.65 2.32
CA TYR A 107 -13.03 -9.35 1.04
C TYR A 107 -11.67 -9.35 0.33
N GLU A 108 -11.05 -8.18 0.22
CA GLU A 108 -9.78 -8.06 -0.49
C GLU A 108 -8.70 -8.92 0.15
N LEU A 109 -8.57 -8.87 1.48
CA LEU A 109 -7.54 -9.67 2.15
C LEU A 109 -7.78 -11.19 2.01
N GLN A 110 -9.05 -11.58 2.03
CA GLN A 110 -9.40 -13.00 1.93
C GLN A 110 -9.11 -13.56 0.54
N ASN A 111 -9.39 -12.76 -0.49
CA ASN A 111 -9.51 -13.25 -1.86
C ASN A 111 -8.26 -12.91 -2.68
N HIS A 112 -7.67 -11.76 -2.40
CA HIS A 112 -6.55 -11.21 -3.17
C HIS A 112 -5.25 -11.15 -2.36
N GLY A 113 -5.35 -11.35 -1.05
CA GLY A 113 -4.17 -11.35 -0.18
C GLY A 113 -3.77 -9.96 0.29
N PRO A 114 -2.57 -9.81 0.89
CA PRO A 114 -2.08 -8.48 1.29
C PRO A 114 -2.10 -7.47 0.15
N LEU A 115 -2.47 -6.23 0.47
CA LEU A 115 -2.55 -5.17 -0.55
C LEU A 115 -1.39 -4.21 -0.37
N MET A 116 -0.86 -3.72 -1.49
CA MET A 116 0.07 -2.60 -1.47
C MET A 116 -0.68 -1.32 -1.84
N LEU A 117 -0.57 -0.31 -0.97
CA LEU A 117 -1.09 1.02 -1.26
C LEU A 117 0.05 1.89 -1.71
N ILE A 118 -0.10 2.52 -2.87
CA ILE A 118 0.80 3.59 -3.28
C ILE A 118 0.01 4.90 -3.21
N ARG A 119 0.55 5.86 -2.46
CA ARG A 119 -0.16 7.10 -2.16
C ARG A 119 0.82 8.28 -2.12
N PRO A 120 0.32 9.51 -2.30
CA PRO A 120 1.11 10.69 -1.96
C PRO A 120 1.47 10.66 -0.49
N SER A 121 2.64 11.21 -0.16
CA SER A 121 2.98 11.59 1.21
C SER A 121 2.06 12.74 1.64
N LEU A 122 1.79 12.84 2.93
CA LEU A 122 1.01 13.96 3.46
C LEU A 122 1.75 15.28 3.25
N GLY A 123 1.13 16.17 2.49
CA GLY A 123 1.84 17.34 1.95
C GLY A 123 2.29 17.19 0.51
N SER A 124 2.23 15.96 -0.02
CA SER A 124 2.49 15.67 -1.44
C SER A 124 3.87 16.20 -1.88
N GLU A 125 4.92 15.53 -1.38
CA GLU A 125 6.29 15.80 -1.81
C GLU A 125 6.88 14.63 -2.62
N CYS A 126 6.39 13.43 -2.32
CA CYS A 126 7.06 12.16 -2.57
C CYS A 126 5.91 11.17 -2.63
N LEU A 127 6.04 10.07 -3.37
CA LEU A 127 5.12 8.95 -3.19
C LEU A 127 5.57 8.00 -2.08
N HIS A 128 4.65 7.21 -1.54
CA HIS A 128 4.92 6.36 -0.38
C HIS A 128 4.16 5.05 -0.59
N ALA A 129 4.85 3.92 -0.52
CA ALA A 129 4.18 2.61 -0.57
C ALA A 129 4.15 1.94 0.80
N GLU A 130 3.01 1.38 1.16
CA GLU A 130 2.90 0.57 2.39
C GLU A 130 1.88 -0.53 2.17
N CYS A 131 1.85 -1.53 3.05
CA CYS A 131 1.00 -2.70 2.84
C CYS A 131 -0.06 -2.88 3.92
N ILE A 132 -1.23 -3.34 3.50
CA ILE A 132 -2.28 -3.80 4.40
C ILE A 132 -2.20 -5.31 4.43
N VAL A 133 -1.97 -5.88 5.62
CA VAL A 133 -1.53 -7.29 5.73
C VAL A 133 -2.55 -8.12 6.53
N GLY A 134 -3.44 -7.44 7.25
CA GLY A 134 -4.41 -8.13 8.10
C GLY A 134 -5.50 -7.21 8.59
N TYR A 135 -6.56 -7.83 9.13
CA TYR A 135 -7.68 -7.07 9.70
C TYR A 135 -8.31 -7.90 10.80
N ASP A 136 -8.74 -7.24 11.87
CA ASP A 136 -9.61 -7.89 12.86
C ASP A 136 -10.84 -7.06 13.17
N SER A 137 -12.02 -7.64 12.89
CA SER A 137 -13.29 -6.99 13.14
C SER A 137 -13.58 -6.85 14.64
N GLU A 138 -13.00 -7.75 15.44
CA GLU A 138 -13.10 -7.71 16.91
C GLU A 138 -12.66 -6.36 17.51
N VAL A 139 -11.63 -5.75 16.92
CA VAL A 139 -11.05 -4.52 17.46
C VAL A 139 -11.08 -3.34 16.49
N LYS A 140 -11.55 -3.60 15.27
CA LYS A 140 -11.64 -2.57 14.23
C LYS A 140 -10.26 -1.97 13.94
N LYS A 141 -9.27 -2.84 13.78
CA LYS A 141 -7.90 -2.43 13.48
C LYS A 141 -7.37 -3.15 12.24
N VAL A 142 -6.46 -2.47 11.55
CA VAL A 142 -5.84 -2.94 10.31
C VAL A 142 -4.34 -3.14 10.58
N LEU A 143 -3.80 -4.28 10.15
CA LEU A 143 -2.36 -4.53 10.25
C LEU A 143 -1.63 -3.86 9.07
N ILE A 144 -0.79 -2.88 9.40
CA ILE A 144 -0.03 -2.11 8.40
C ILE A 144 1.46 -2.47 8.45
N TYR A 145 2.03 -2.81 7.29
CA TYR A 145 3.47 -2.92 7.14
C TYR A 145 3.96 -1.71 6.35
N ASP A 146 4.47 -0.72 7.07
CA ASP A 146 5.00 0.49 6.44
C ASP A 146 6.50 0.49 6.71
N SER A 147 7.31 0.35 5.67
CA SER A 147 8.77 0.22 5.86
CA SER A 147 8.77 0.22 5.82
C SER A 147 9.43 1.52 6.30
N MET A 148 8.67 2.60 6.32
CA MET A 148 9.17 3.84 6.94
C MET A 148 8.99 3.85 8.46
N ASN A 149 8.34 2.82 9.00
CA ASN A 149 8.29 2.57 10.45
C ASN A 149 9.36 1.58 10.88
N THR A 150 9.59 1.49 12.19
CA THR A 150 10.53 0.50 12.72
C THR A 150 9.97 -0.92 12.75
N SER A 151 8.63 -1.06 12.74
CA SER A 151 8.00 -2.38 12.82
C SER A 151 6.58 -2.36 12.24
N PRO A 152 5.98 -3.55 12.03
CA PRO A 152 4.55 -3.57 11.72
C PRO A 152 3.73 -2.91 12.82
N GLU A 153 2.58 -2.35 12.46
CA GLU A 153 1.73 -1.61 13.40
C GLU A 153 0.28 -1.93 13.11
N TRP A 154 -0.51 -2.18 14.14
CA TRP A 154 -1.96 -2.19 13.98
C TRP A 154 -2.50 -0.77 14.14
N GLN A 155 -3.28 -0.34 13.15
CA GLN A 155 -3.80 1.04 13.11
C GLN A 155 -5.33 1.03 13.07
N SER A 156 -5.93 2.09 13.63
CA SER A 156 -7.37 2.27 13.62
C SER A 156 -7.93 2.41 12.21
N ASN A 157 -9.20 2.07 12.05
CA ASN A 157 -9.87 2.17 10.76
C ASN A 157 -9.82 3.60 10.22
N ILE A 158 -10.06 4.57 11.10
CA ILE A 158 -10.02 5.97 10.67
C ILE A 158 -8.61 6.39 10.21
N ASP A 159 -7.58 5.87 10.87
CA ASP A 159 -6.21 6.21 10.45
C ASP A 159 -5.88 5.63 9.06
N VAL A 160 -6.34 4.41 8.79
CA VAL A 160 -6.16 3.83 7.44
C VAL A 160 -7.06 4.51 6.40
N TYR A 161 -8.27 4.85 6.79
CA TYR A 161 -9.15 5.67 5.94
C TYR A 161 -8.50 7.00 5.51
N ASP A 162 -7.81 7.66 6.43
CA ASP A 162 -7.01 8.85 6.10
C ASP A 162 -5.91 8.60 5.06
N LYS A 163 -5.24 7.45 5.14
CA LYS A 163 -4.25 7.06 4.11
C LYS A 163 -4.89 6.83 2.76
N LEU A 164 -6.03 6.14 2.76
CA LEU A 164 -6.80 5.94 1.52
C LEU A 164 -7.29 7.25 0.91
N THR A 165 -7.61 8.22 1.75
CA THR A 165 -8.07 9.53 1.28
C THR A 165 -7.01 10.17 0.37
N LEU A 166 -5.73 10.04 0.72
CA LEU A 166 -4.67 10.66 -0.06
C LEU A 166 -4.55 10.04 -1.46
N ALA A 167 -4.87 8.76 -1.58
CA ALA A 167 -4.78 8.02 -2.83
C ALA A 167 -6.04 8.15 -3.69
N PHE A 168 -7.18 8.43 -3.08
CA PHE A 168 -8.47 8.32 -3.78
C PHE A 168 -9.33 9.60 -3.82
N ASN A 169 -9.00 10.60 -3.02
CA ASN A 169 -9.71 11.88 -3.05
C ASN A 169 -9.00 12.87 -3.97
N ASP A 170 -9.77 13.53 -4.82
CA ASP A 170 -9.21 14.28 -5.95
C ASP A 170 -8.45 15.52 -5.49
N LYS A 171 -8.74 15.98 -4.27
CA LYS A 171 -8.03 17.11 -3.68
C LYS A 171 -6.52 16.87 -3.65
N TYR A 172 -6.13 15.61 -3.54
CA TYR A 172 -4.73 15.25 -3.23
C TYR A 172 -3.99 14.61 -4.39
N LYS A 173 -4.63 14.61 -5.57
CA LYS A 173 -4.16 13.91 -6.76
C LYS A 173 -3.64 14.86 -7.83
N ASN A 174 -2.62 14.43 -8.57
CA ASN A 174 -2.30 15.03 -9.87
C ASN A 174 -1.92 13.98 -10.93
N GLU A 175 -1.03 14.36 -11.85
CA GLU A 175 -0.80 13.60 -13.08
C GLU A 175 0.09 12.38 -12.82
N ASP A 176 1.09 12.55 -11.97
CA ASP A 176 2.02 11.49 -11.63
C ASP A 176 1.39 10.54 -10.59
N CYS A 177 0.15 10.82 -10.25
CA CYS A 177 -0.62 10.02 -9.29
C CYS A 177 -1.47 8.93 -9.96
N SER A 178 -1.29 8.72 -11.26
CA SER A 178 -1.92 7.58 -11.95
C SER A 178 -1.47 6.23 -11.35
N ILE A 179 -0.22 6.19 -10.88
CA ILE A 179 0.31 5.01 -10.19
C ILE A 179 -0.34 4.77 -8.82
N CYS A 180 -0.92 5.81 -8.23
CA CYS A 180 -1.50 5.65 -6.88
C CYS A 180 -2.70 4.71 -6.93
N GLY A 181 -2.85 3.94 -5.86
CA GLY A 181 -3.98 3.04 -5.72
C GLY A 181 -3.62 1.81 -4.94
N LEU A 182 -4.47 0.79 -5.07
CA LEU A 182 -4.33 -0.45 -4.31
C LEU A 182 -4.00 -1.60 -5.26
N TYR A 183 -2.96 -2.36 -4.90
CA TYR A 183 -2.40 -3.41 -5.75
C TYR A 183 -2.40 -4.73 -4.99
N TYR A 184 -2.38 -5.84 -5.72
CA TYR A 184 -2.27 -7.16 -5.09
C TYR A 184 -1.36 -8.07 -5.91
N ASP A 185 -0.96 -9.18 -5.30
CA ASP A 185 -0.20 -10.22 -5.99
C ASP A 185 -1.17 -11.07 -6.82
N GLY A 186 -1.08 -10.93 -8.14
CA GLY A 186 -2.01 -11.61 -9.05
C GLY A 186 -1.91 -13.12 -8.97
N VAL A 187 -0.83 -13.60 -8.38
CA VAL A 187 -0.58 -15.03 -8.17
C VAL A 187 -1.29 -15.61 -6.93
N TYR A 188 -1.77 -14.73 -6.04
CA TYR A 188 -2.36 -15.17 -4.77
C TYR A 188 -3.63 -16.01 -4.94
N GLU A 189 -3.70 -17.11 -4.20
CA GLU A 189 -4.92 -17.91 -4.09
C GLU A 189 -5.21 -18.18 -2.62
N PRO A 190 -6.47 -18.00 -2.19
CA PRO A 190 -6.78 -18.32 -0.80
C PRO A 190 -6.70 -19.81 -0.51
N LYS A 191 -6.35 -20.15 0.74
CA LYS A 191 -6.35 -21.53 1.21
C LYS A 191 -7.64 -21.80 1.96
N LEU A 192 -8.44 -22.73 1.44
CA LEU A 192 -9.75 -23.05 2.02
C LEU A 192 -9.57 -24.07 3.13
N GLU A 193 -9.78 -23.62 4.36
CA GLU A 193 -9.65 -24.48 5.55
C GLU A 193 -10.92 -25.27 5.81
N HIS A 194 -10.76 -26.48 6.35
CA HIS A 194 -11.88 -27.30 6.81
C HIS A 194 -11.76 -27.57 8.30
N HIS A 195 -12.84 -27.32 9.03
CA HIS A 195 -12.93 -27.69 10.44
C HIS A 195 -13.78 -28.94 10.65
N HIS A 196 -13.49 -29.69 11.71
CA HIS A 196 -14.25 -30.91 12.00
C HIS A 196 -15.56 -30.66 12.75
N HIS A 197 -15.65 -29.52 13.45
CA HIS A 197 -16.76 -29.28 14.37
C HIS A 197 -17.43 -27.91 14.15
#